data_5H9I
#
_entry.id   5H9I
#
_cell.length_a   92.972
_cell.length_b   64.339
_cell.length_c   45.654
_cell.angle_alpha   90.00
_cell.angle_beta   111.40
_cell.angle_gamma   90.00
#
_symmetry.space_group_name_H-M   'C 1 2 1'
#
loop_
_entity.id
_entity.type
_entity.pdbx_description
1 polymer 'Geobacter metallireducens SMUG1'
2 non-polymer XANTHINE
3 non-polymer GLYCEROL
4 non-polymer BETA-MERCAPTOETHANOL
5 non-polymer 'ISOPROPYL ALCOHOL'
6 non-polymer 'PENTANOIC ACID'
7 water water
#
_entity_poly.entity_id   1
_entity_poly.type   'polypeptide(L)'
_entity_poly.pdbx_seq_one_letter_code
;GPHMTGLAAISDALAADLAGLSFSSPVAHVYNPLLYAREPHVAYLSRFGSPPKEVLFVGMNPGPWGMAQTGVPFGEVAVV
TEWLGINGTVTRPAGEHPKKRVDGFACRRSEVSGRRLWGFIRERFGTPERFFARFFVANYCPLLFLTAEGGNITPDKLRR
GEQEPLFAACDLALRRTVVLLRPRVVIGVGAFAEARCHEALEGFDVEVGRIIHPSPASPAANRDWAGTALRQLAELGVDF
;
_entity_poly.pdbx_strand_id   A
#
loop_
_chem_comp.id
_chem_comp.type
_chem_comp.name
_chem_comp.formula
BME non-polymer BETA-MERCAPTOETHANOL 'C2 H6 O S'
GOL non-polymer GLYCEROL 'C3 H8 O3'
IPA non-polymer 'ISOPROPYL ALCOHOL' 'C3 H8 O'
LEA non-polymer 'PENTANOIC ACID' 'C5 H10 O2'
XAN non-polymer XANTHINE 'C5 H4 N4 O2'
#
# COMPACT_ATOMS: atom_id res chain seq x y z
N GLY A 1 -10.27 -8.40 21.35
CA GLY A 1 -10.38 -9.02 20.05
C GLY A 1 -9.34 -10.09 19.70
N PRO A 2 -9.39 -10.60 18.49
CA PRO A 2 -8.57 -11.73 18.14
C PRO A 2 -7.09 -11.32 18.14
N HIS A 3 -6.24 -12.34 18.36
CA HIS A 3 -4.78 -12.21 18.32
CA HIS A 3 -4.81 -12.19 18.30
C HIS A 3 -4.44 -12.16 16.84
N MET A 4 -3.49 -11.27 16.51
CA MET A 4 -2.96 -11.19 15.18
C MET A 4 -1.60 -11.93 15.14
N THR A 5 -1.65 -13.08 14.52
CA THR A 5 -0.55 -13.98 14.39
C THR A 5 0.42 -13.51 13.31
N GLY A 6 -0.09 -12.68 12.36
CA GLY A 6 0.81 -12.33 11.30
C GLY A 6 0.08 -11.35 10.43
N LEU A 7 0.79 -10.84 9.43
CA LEU A 7 0.16 -9.96 8.50
C LEU A 7 -1.03 -10.45 7.80
N ALA A 8 -1.01 -11.78 7.45
CA ALA A 8 -2.17 -12.25 6.69
C ALA A 8 -3.45 -12.20 7.52
N ALA A 9 -3.33 -12.50 8.79
CA ALA A 9 -4.50 -12.35 9.72
C ALA A 9 -5.02 -10.91 9.73
N ILE A 10 -4.08 -9.98 9.79
CA ILE A 10 -4.42 -8.58 9.78
C ILE A 10 -5.13 -8.20 8.48
N SER A 11 -4.63 -8.64 7.34
CA SER A 11 -5.26 -8.29 6.08
C SER A 11 -6.66 -8.94 5.97
N ASP A 12 -6.77 -10.16 6.45
CA ASP A 12 -8.08 -10.84 6.38
C ASP A 12 -9.10 -10.12 7.27
N ALA A 13 -8.66 -9.65 8.43
CA ALA A 13 -9.54 -8.92 9.40
C ALA A 13 -9.93 -7.60 8.75
N LEU A 14 -8.96 -6.89 8.17
CA LEU A 14 -9.28 -5.68 7.44
C LEU A 14 -10.33 -5.90 6.33
N ALA A 15 -10.13 -6.92 5.49
CA ALA A 15 -11.11 -7.21 4.40
C ALA A 15 -12.52 -7.45 4.95
N ALA A 16 -12.59 -8.11 6.05
CA ALA A 16 -13.91 -8.34 6.73
C ALA A 16 -14.53 -7.04 7.21
N ASP A 17 -13.73 -6.20 7.83
CA ASP A 17 -14.20 -4.92 8.28
C ASP A 17 -14.67 -4.10 7.10
N LEU A 18 -13.93 -4.09 5.98
CA LEU A 18 -14.28 -3.37 4.79
C LEU A 18 -15.59 -3.84 4.11
N ALA A 19 -15.83 -5.13 4.20
CA ALA A 19 -16.95 -5.75 3.52
C ALA A 19 -18.29 -5.31 4.07
N GLY A 20 -18.32 -4.83 5.31
CA GLY A 20 -19.49 -4.31 5.96
C GLY A 20 -19.78 -2.85 5.60
N LEU A 21 -18.80 -2.15 5.00
CA LEU A 21 -18.96 -0.71 4.70
C LEU A 21 -19.72 -0.42 3.42
N SER A 22 -20.37 0.72 3.38
CA SER A 22 -21.07 1.14 2.18
C SER A 22 -20.52 2.43 1.68
N PHE A 23 -20.49 2.55 0.35
CA PHE A 23 -20.05 3.75 -0.31
C PHE A 23 -21.09 4.10 -1.37
N SER A 24 -21.30 5.39 -1.56
CA SER A 24 -22.31 5.83 -2.53
C SER A 24 -21.75 6.93 -3.38
N SER A 25 -22.59 7.41 -4.30
CA SER A 25 -22.19 8.40 -5.28
C SER A 25 -21.38 9.51 -4.57
N PRO A 26 -20.24 10.00 -5.18
CA PRO A 26 -19.92 9.59 -6.52
C PRO A 26 -19.14 8.24 -6.66
N VAL A 27 -18.99 7.50 -5.58
CA VAL A 27 -18.48 6.10 -5.74
C VAL A 27 -19.50 5.21 -6.40
N ALA A 28 -19.13 4.64 -7.54
CA ALA A 28 -19.91 3.60 -8.17
C ALA A 28 -19.30 2.22 -8.08
N HIS A 29 -17.96 2.12 -7.94
CA HIS A 29 -17.31 0.82 -7.97
C HIS A 29 -16.22 0.84 -6.85
N VAL A 30 -16.09 -0.28 -6.21
CA VAL A 30 -15.06 -0.46 -5.17
C VAL A 30 -14.34 -1.76 -5.49
N TYR A 31 -13.02 -1.70 -5.67
CA TYR A 31 -12.20 -2.86 -5.89
C TYR A 31 -11.42 -3.23 -4.62
N ASN A 32 -11.42 -4.49 -4.25
CA ASN A 32 -10.66 -4.98 -3.06
C ASN A 32 -9.69 -6.12 -3.44
N PRO A 33 -8.44 -5.75 -3.80
CA PRO A 33 -7.43 -6.70 -4.24
C PRO A 33 -7.11 -7.72 -3.10
N LEU A 34 -7.47 -7.41 -1.86
CA LEU A 34 -7.26 -8.39 -0.79
C LEU A 34 -8.08 -9.58 -1.04
N LEU A 35 -9.16 -9.45 -1.81
CA LEU A 35 -10.03 -10.56 -2.15
C LEU A 35 -9.73 -11.18 -3.49
N TYR A 36 -9.56 -10.37 -4.52
CA TYR A 36 -9.35 -10.91 -5.85
C TYR A 36 -7.91 -11.21 -6.26
N ALA A 37 -6.98 -10.71 -5.47
CA ALA A 37 -5.56 -10.97 -5.70
C ALA A 37 -4.93 -11.47 -4.40
N ARG A 38 -5.65 -12.35 -3.75
CA ARG A 38 -5.26 -12.83 -2.45
C ARG A 38 -3.98 -13.66 -2.45
N GLU A 39 -3.83 -14.53 -3.44
CA GLU A 39 -2.67 -15.41 -3.48
C GLU A 39 -1.40 -14.59 -3.64
N PRO A 40 -1.35 -13.66 -4.60
CA PRO A 40 -0.09 -12.89 -4.70
C PRO A 40 0.10 -11.92 -3.49
N HIS A 41 -1.00 -11.41 -2.97
CA HIS A 41 -0.88 -10.53 -1.77
C HIS A 41 -0.31 -11.30 -0.58
N VAL A 42 -0.88 -12.48 -0.30
CA VAL A 42 -0.35 -13.28 0.80
C VAL A 42 1.07 -13.75 0.54
N ALA A 43 1.43 -14.07 -0.72
CA ALA A 43 2.79 -14.32 -1.04
C ALA A 43 3.74 -13.18 -0.60
N TYR A 44 3.32 -11.98 -0.92
CA TYR A 44 4.16 -10.82 -0.57
C TYR A 44 4.22 -10.69 0.96
N LEU A 45 3.07 -10.81 1.69
CA LEU A 45 3.08 -10.72 3.13
C LEU A 45 3.95 -11.79 3.76
N SER A 46 3.88 -13.02 3.23
CA SER A 46 4.50 -14.14 3.88
CA SER A 46 4.46 -14.13 3.89
C SER A 46 5.97 -14.22 3.55
N ARG A 47 6.36 -13.90 2.35
CA ARG A 47 7.75 -13.98 1.92
C ARG A 47 8.60 -12.84 2.41
N PHE A 48 7.97 -11.65 2.56
CA PHE A 48 8.72 -10.40 2.80
C PHE A 48 8.27 -9.69 4.03
N GLY A 49 7.21 -10.09 4.70
CA GLY A 49 6.70 -9.32 5.83
C GLY A 49 6.96 -10.01 7.14
N SER A 50 7.98 -10.88 7.31
CA SER A 50 8.23 -11.42 8.61
C SER A 50 8.72 -10.33 9.58
N PRO A 51 8.21 -10.30 10.86
CA PRO A 51 8.70 -9.44 11.83
C PRO A 51 10.03 -9.81 12.41
N PRO A 52 10.71 -8.86 13.00
CA PRO A 52 10.44 -7.45 13.19
C PRO A 52 11.01 -6.72 11.98
N LYS A 53 10.50 -5.50 11.80
CA LYS A 53 11.10 -4.53 10.84
C LYS A 53 11.53 -3.31 11.61
N GLU A 54 12.51 -2.60 11.10
CA GLU A 54 12.88 -1.32 11.68
C GLU A 54 12.04 -0.16 11.16
N VAL A 55 11.58 -0.23 9.91
CA VAL A 55 10.92 0.85 9.23
C VAL A 55 9.79 0.32 8.41
N LEU A 56 8.63 0.96 8.50
CA LEU A 56 7.42 0.67 7.69
C LEU A 56 7.06 1.81 6.78
N PHE A 57 7.05 1.65 5.49
CA PHE A 57 6.54 2.61 4.56
C PHE A 57 5.06 2.35 4.40
N VAL A 58 4.24 3.41 4.36
CA VAL A 58 2.82 3.32 4.24
C VAL A 58 2.34 4.22 3.11
N GLY A 59 1.77 3.58 2.06
CA GLY A 59 1.12 4.34 0.96
C GLY A 59 -0.32 4.63 1.31
N MET A 60 -0.97 5.23 0.40
CA MET A 60 -2.36 5.61 0.58
C MET A 60 -3.31 4.53 0.13
N ASN A 61 -3.37 4.26 -1.16
CA ASN A 61 -4.24 3.23 -1.66
C ASN A 61 -3.78 2.80 -3.06
N PRO A 62 -4.29 1.68 -3.59
CA PRO A 62 -3.75 1.18 -4.85
C PRO A 62 -3.86 2.08 -6.04
N GLY A 63 -2.88 2.02 -6.94
CA GLY A 63 -3.08 2.59 -8.26
C GLY A 63 -3.69 1.50 -9.09
N PRO A 64 -4.49 1.94 -10.07
CA PRO A 64 -5.14 0.96 -10.96
C PRO A 64 -4.27 -0.02 -11.67
N TRP A 65 -2.99 0.31 -11.96
CA TRP A 65 -2.14 -0.51 -12.75
C TRP A 65 -1.03 -1.22 -11.95
N GLY A 66 -1.15 -1.02 -10.62
CA GLY A 66 -0.14 -1.58 -9.72
C GLY A 66 -0.76 -2.58 -8.78
N MET A 67 -1.02 -2.12 -7.55
CA MET A 67 -1.58 -3.05 -6.53
C MET A 67 -2.99 -3.59 -6.99
N ALA A 68 -3.73 -2.76 -7.76
CA ALA A 68 -5.10 -3.25 -8.21
C ALA A 68 -4.93 -4.39 -9.13
N GLN A 69 -3.77 -4.63 -9.76
CA GLN A 69 -3.46 -5.70 -10.66
C GLN A 69 -2.74 -6.85 -9.99
N THR A 70 -1.80 -6.55 -9.07
CA THR A 70 -0.88 -7.58 -8.59
C THR A 70 -1.13 -7.94 -7.17
N GLY A 71 -1.84 -7.14 -6.37
CA GLY A 71 -2.00 -7.36 -4.92
C GLY A 71 -0.82 -6.87 -4.09
N VAL A 72 0.17 -6.26 -4.71
CA VAL A 72 1.32 -5.80 -4.00
C VAL A 72 1.39 -4.34 -3.93
N PRO A 73 1.59 -3.67 -2.77
CA PRO A 73 1.69 -2.19 -2.74
C PRO A 73 2.72 -1.65 -3.73
N PHE A 74 2.28 -0.57 -4.41
CA PHE A 74 3.12 0.03 -5.50
C PHE A 74 3.56 -1.00 -6.51
N GLY A 75 2.72 -2.04 -6.72
CA GLY A 75 3.14 -3.25 -7.34
C GLY A 75 3.06 -3.25 -8.86
N GLU A 76 3.95 -2.52 -9.45
CA GLU A 76 4.13 -2.49 -10.91
C GLU A 76 4.38 -3.94 -11.32
N VAL A 77 3.79 -4.39 -12.45
CA VAL A 77 3.81 -5.79 -12.80
C VAL A 77 5.19 -6.32 -12.97
N ALA A 78 6.03 -5.59 -13.69
CA ALA A 78 7.35 -6.05 -14.00
C ALA A 78 8.23 -6.25 -12.75
N VAL A 79 8.16 -5.25 -11.87
CA VAL A 79 9.01 -5.35 -10.71
C VAL A 79 8.51 -6.43 -9.79
N VAL A 80 7.20 -6.69 -9.67
CA VAL A 80 6.72 -7.71 -8.79
C VAL A 80 7.10 -9.09 -9.34
N THR A 81 7.00 -9.31 -10.66
CA THR A 81 7.36 -10.58 -11.23
C THR A 81 8.87 -10.81 -11.27
N GLU A 82 9.65 -9.80 -11.64
CA GLU A 82 11.08 -9.96 -11.94
C GLU A 82 11.88 -9.85 -10.63
N TRP A 83 11.54 -8.94 -9.74
CA TRP A 83 12.41 -8.71 -8.58
C TRP A 83 11.87 -9.51 -7.41
N LEU A 84 10.58 -9.45 -7.14
CA LEU A 84 10.02 -10.10 -5.98
C LEU A 84 9.78 -11.58 -6.27
N GLY A 85 9.65 -11.93 -7.53
CA GLY A 85 9.31 -13.30 -7.87
C GLY A 85 7.97 -13.74 -7.59
N ILE A 86 7.01 -12.86 -7.68
CA ILE A 86 5.62 -13.16 -7.45
C ILE A 86 4.81 -13.02 -8.72
N ASN A 87 4.06 -14.04 -9.09
CA ASN A 87 3.19 -14.00 -10.26
C ASN A 87 2.19 -15.09 -10.06
N GLY A 88 0.94 -14.71 -9.85
CA GLY A 88 -0.09 -15.63 -9.41
C GLY A 88 -1.48 -15.29 -9.94
N THR A 89 -2.42 -15.96 -9.36
CA THR A 89 -3.89 -15.89 -9.73
C THR A 89 -4.50 -14.62 -9.26
N VAL A 90 -5.05 -13.87 -10.22
CA VAL A 90 -5.79 -12.65 -9.93
C VAL A 90 -7.11 -12.74 -10.73
N THR A 91 -8.16 -12.67 -9.98
CA THR A 91 -9.49 -12.69 -10.64
C THR A 91 -10.03 -11.28 -10.79
N ARG A 92 -11.17 -11.10 -11.48
CA ARG A 92 -11.67 -9.75 -11.68
C ARG A 92 -12.63 -9.36 -10.61
N PRO A 93 -12.58 -8.09 -10.15
CA PRO A 93 -13.47 -7.65 -9.10
C PRO A 93 -14.97 -7.66 -9.59
N ALA A 94 -15.88 -7.81 -8.66
CA ALA A 94 -17.30 -7.73 -8.97
C ALA A 94 -17.58 -6.37 -9.47
N GLY A 95 -18.27 -6.30 -10.63
CA GLY A 95 -18.51 -4.95 -11.17
C GLY A 95 -17.34 -4.19 -11.72
N GLU A 96 -16.24 -4.89 -12.07
CA GLU A 96 -15.09 -4.30 -12.73
C GLU A 96 -15.54 -3.29 -13.76
N HIS A 97 -14.93 -2.10 -13.82
CA HIS A 97 -15.26 -1.10 -14.84
C HIS A 97 -14.44 -1.30 -16.07
N PRO A 98 -15.05 -1.17 -17.29
CA PRO A 98 -14.23 -1.42 -18.44
C PRO A 98 -13.04 -0.53 -18.69
N LYS A 99 -13.00 0.65 -18.07
CA LYS A 99 -11.87 1.55 -18.23
C LYS A 99 -10.75 1.20 -17.23
N LYS A 100 -10.99 0.22 -16.43
CA LYS A 100 -10.08 -0.12 -15.26
C LYS A 100 -10.09 -1.61 -15.08
N ARG A 101 -9.89 -2.36 -16.11
CA ARG A 101 -9.90 -3.78 -16.09
C ARG A 101 -8.70 -4.35 -15.27
N VAL A 102 -8.98 -5.46 -14.65
CA VAL A 102 -8.00 -6.19 -13.84
C VAL A 102 -7.52 -7.38 -14.65
N ASP A 103 -6.45 -7.17 -15.42
CA ASP A 103 -5.81 -8.24 -16.16
C ASP A 103 -4.73 -9.01 -15.34
N GLY A 104 -4.48 -8.54 -14.14
CA GLY A 104 -3.50 -9.22 -13.27
C GLY A 104 -2.10 -9.13 -13.83
N PHE A 105 -1.41 -10.25 -13.73
CA PHE A 105 -0.04 -10.32 -14.22
C PHE A 105 0.12 -10.25 -15.74
N ALA A 106 -1.04 -10.27 -16.43
CA ALA A 106 -1.04 -10.00 -17.87
C ALA A 106 -1.22 -8.54 -18.17
N CYS A 107 -1.42 -7.62 -17.19
CA CYS A 107 -1.54 -6.22 -17.45
C CYS A 107 -0.24 -5.73 -18.06
N ARG A 108 -0.44 -5.00 -19.12
CA ARG A 108 0.61 -4.42 -19.93
C ARG A 108 0.87 -2.90 -19.61
N ARG A 109 0.14 -2.18 -18.72
CA ARG A 109 0.43 -0.80 -18.27
C ARG A 109 1.51 -0.97 -17.17
N SER A 110 2.55 -0.16 -17.26
CA SER A 110 3.51 0.04 -16.18
C SER A 110 3.17 1.22 -15.31
N GLU A 111 2.98 1.03 -14.04
CA GLU A 111 2.76 2.12 -13.15
C GLU A 111 4.06 2.85 -12.83
N VAL A 112 4.13 4.17 -13.09
CA VAL A 112 5.32 4.92 -12.87
C VAL A 112 5.73 4.95 -11.40
N SER A 113 4.77 5.27 -10.61
CA SER A 113 4.97 5.41 -9.16
C SER A 113 5.64 4.20 -8.56
N GLY A 114 5.07 3.05 -8.79
CA GLY A 114 5.68 1.81 -8.22
C GLY A 114 6.94 1.41 -8.89
N ARG A 115 7.10 1.64 -10.21
CA ARG A 115 8.34 1.46 -10.88
C ARG A 115 9.46 2.26 -10.32
N ARG A 116 9.14 3.52 -10.01
CA ARG A 116 10.14 4.37 -9.37
C ARG A 116 10.47 3.87 -7.95
N LEU A 117 9.45 3.62 -7.16
CA LEU A 117 9.72 3.24 -5.74
C LEU A 117 10.46 1.95 -5.63
N TRP A 118 9.98 0.92 -6.28
CA TRP A 118 10.64 -0.38 -6.18
C TRP A 118 11.96 -0.39 -6.93
N GLY A 119 12.03 0.44 -8.01
CA GLY A 119 13.28 0.45 -8.73
C GLY A 119 14.41 1.08 -7.89
N PHE A 120 14.06 2.10 -7.13
CA PHE A 120 15.00 2.78 -6.24
C PHE A 120 15.37 1.84 -5.13
N ILE A 121 14.39 1.12 -4.62
CA ILE A 121 14.78 0.12 -3.57
C ILE A 121 15.70 -0.95 -4.13
N ARG A 122 15.45 -1.44 -5.31
CA ARG A 122 16.31 -2.42 -5.93
C ARG A 122 17.72 -1.87 -6.12
N GLU A 123 17.78 -0.68 -6.63
CA GLU A 123 19.12 -0.03 -6.79
C GLU A 123 19.78 0.11 -5.46
N ARG A 124 19.15 0.48 -4.38
CA ARG A 124 19.83 0.76 -3.09
C ARG A 124 20.18 -0.57 -2.43
N PHE A 125 19.35 -1.61 -2.54
CA PHE A 125 19.52 -2.82 -1.71
C PHE A 125 19.89 -4.04 -2.44
N GLY A 126 19.73 -4.12 -3.75
CA GLY A 126 20.08 -5.24 -4.56
C GLY A 126 19.09 -6.37 -4.61
N THR A 127 19.02 -7.01 -3.47
CA THR A 127 18.08 -8.17 -3.26
C THR A 127 16.98 -7.84 -2.34
N PRO A 128 15.84 -8.54 -2.57
CA PRO A 128 14.76 -8.31 -1.67
C PRO A 128 15.16 -8.59 -0.21
N GLU A 129 15.94 -9.62 0.03
CA GLU A 129 16.30 -9.98 1.39
C GLU A 129 17.10 -8.84 2.10
N ARG A 130 17.93 -8.12 1.40
CA ARG A 130 18.60 -6.99 2.08
C ARG A 130 17.65 -5.85 2.46
N PHE A 131 16.59 -5.65 1.67
CA PHE A 131 15.54 -4.67 2.01
C PHE A 131 14.66 -5.07 3.11
N PHE A 132 14.06 -6.27 2.95
CA PHE A 132 13.05 -6.70 3.86
C PHE A 132 13.62 -7.16 5.17
N ALA A 133 14.94 -7.30 5.25
CA ALA A 133 15.53 -7.54 6.56
C ALA A 133 15.13 -6.44 7.51
N ARG A 134 14.98 -5.20 7.05
CA ARG A 134 14.70 -4.07 7.94
C ARG A 134 13.48 -3.27 7.58
N PHE A 135 12.95 -3.44 6.36
CA PHE A 135 11.90 -2.59 5.86
C PHE A 135 10.64 -3.41 5.47
N PHE A 136 9.52 -2.71 5.37
CA PHE A 136 8.34 -3.26 4.74
C PHE A 136 7.58 -2.14 4.07
N VAL A 137 6.68 -2.47 3.14
CA VAL A 137 5.81 -1.50 2.47
C VAL A 137 4.38 -1.98 2.50
N ALA A 138 3.48 -1.15 2.96
CA ALA A 138 2.07 -1.45 3.04
C ALA A 138 1.22 -0.28 2.63
N ASN A 139 -0.05 -0.53 2.24
CA ASN A 139 -0.95 0.60 2.02
C ASN A 139 -1.85 0.78 3.24
N TYR A 140 -2.21 2.01 3.51
CA TYR A 140 -3.18 2.32 4.53
C TYR A 140 -4.56 1.77 4.16
N CYS A 141 -4.96 2.00 2.89
CA CYS A 141 -6.29 1.58 2.41
C CYS A 141 -6.08 0.67 1.24
N PRO A 142 -6.61 -0.53 1.32
CA PRO A 142 -6.42 -1.46 0.20
C PRO A 142 -7.43 -1.34 -0.94
N LEU A 143 -8.43 -0.50 -0.78
CA LEU A 143 -9.52 -0.40 -1.78
C LEU A 143 -9.22 0.63 -2.81
N LEU A 144 -9.68 0.41 -4.04
CA LEU A 144 -9.67 1.40 -5.12
C LEU A 144 -11.17 1.85 -5.38
N PHE A 145 -11.41 3.15 -5.41
CA PHE A 145 -12.73 3.72 -5.56
C PHE A 145 -12.83 4.37 -6.95
N LEU A 146 -13.91 4.07 -7.67
CA LEU A 146 -14.13 4.70 -8.98
C LEU A 146 -15.53 5.32 -9.09
N THR A 147 -15.60 6.38 -9.89
CA THR A 147 -16.90 6.93 -10.28
C THR A 147 -17.55 6.02 -11.27
N ALA A 148 -18.82 6.31 -11.55
CA ALA A 148 -19.52 5.53 -12.58
C ALA A 148 -18.84 5.62 -13.95
N GLU A 149 -18.11 6.69 -14.24
CA GLU A 149 -17.36 6.78 -15.48
C GLU A 149 -15.94 6.18 -15.38
N GLY A 150 -15.63 5.53 -14.30
CA GLY A 150 -14.34 4.86 -14.23
C GLY A 150 -13.23 5.75 -13.71
N GLY A 151 -13.56 6.92 -13.16
CA GLY A 151 -12.50 7.88 -12.68
C GLY A 151 -12.10 7.51 -11.26
N ASN A 152 -10.79 7.67 -11.00
CA ASN A 152 -10.33 7.38 -9.65
C ASN A 152 -10.87 8.36 -8.61
N ILE A 153 -11.18 7.91 -7.42
CA ILE A 153 -11.64 8.72 -6.31
C ILE A 153 -10.66 8.40 -5.17
N THR A 154 -9.76 9.31 -4.82
CA THR A 154 -8.85 9.09 -3.66
C THR A 154 -9.61 9.16 -2.39
N PRO A 155 -9.15 8.46 -1.33
CA PRO A 155 -10.00 8.36 -0.15
C PRO A 155 -10.24 9.65 0.65
N ASP A 156 -9.38 10.63 0.47
CA ASP A 156 -9.59 11.92 1.04
C ASP A 156 -10.88 12.62 0.49
N LYS A 157 -11.37 12.24 -0.71
CA LYS A 157 -12.52 12.86 -1.39
C LYS A 157 -13.87 12.13 -1.19
N LEU A 158 -13.88 11.14 -0.30
CA LEU A 158 -15.11 10.48 0.11
C LEU A 158 -15.90 11.36 1.07
N ARG A 159 -17.21 11.16 1.09
CA ARG A 159 -18.04 11.99 1.98
C ARG A 159 -17.71 11.56 3.42
N ARG A 160 -17.65 12.51 4.35
CA ARG A 160 -17.21 12.26 5.71
C ARG A 160 -17.87 11.05 6.32
N GLY A 161 -19.16 10.82 6.08
CA GLY A 161 -19.92 9.76 6.71
C GLY A 161 -19.44 8.36 6.36
N GLU A 162 -18.87 8.27 5.16
CA GLU A 162 -18.36 7.02 4.62
C GLU A 162 -16.83 6.92 4.91
N GLN A 163 -16.16 8.04 4.91
CA GLN A 163 -14.77 8.13 5.25
C GLN A 163 -14.50 7.71 6.68
N GLU A 164 -15.35 8.14 7.64
CA GLU A 164 -15.05 7.80 9.01
C GLU A 164 -15.02 6.30 9.30
N PRO A 165 -15.92 5.47 8.83
CA PRO A 165 -15.83 4.06 9.16
C PRO A 165 -14.68 3.36 8.36
N LEU A 166 -14.40 3.92 7.20
CA LEU A 166 -13.28 3.37 6.36
C LEU A 166 -12.01 3.61 7.15
N PHE A 167 -11.80 4.83 7.62
CA PHE A 167 -10.58 5.19 8.33
C PHE A 167 -10.49 4.45 9.65
N ALA A 168 -11.63 4.21 10.32
CA ALA A 168 -11.58 3.45 11.55
C ALA A 168 -11.03 2.04 11.31
N ALA A 169 -11.47 1.41 10.24
CA ALA A 169 -11.02 0.05 9.92
C ALA A 169 -9.47 0.05 9.52
N CYS A 170 -9.12 1.02 8.65
CA CYS A 170 -7.73 1.15 8.21
C CYS A 170 -6.78 1.53 9.33
N ASP A 171 -7.25 2.41 10.25
CA ASP A 171 -6.41 2.74 11.43
C ASP A 171 -6.11 1.52 12.34
N LEU A 172 -7.18 0.73 12.52
CA LEU A 172 -7.03 -0.47 13.33
C LEU A 172 -5.99 -1.47 12.69
N ALA A 173 -6.11 -1.60 11.35
CA ALA A 173 -5.18 -2.53 10.67
C ALA A 173 -3.76 -1.98 10.80
N LEU A 174 -3.58 -0.66 10.67
CA LEU A 174 -2.28 -0.09 10.77
C LEU A 174 -1.63 -0.23 12.17
N ARG A 175 -2.48 0.05 13.22
CA ARG A 175 -2.01 -0.21 14.54
C ARG A 175 -1.61 -1.70 14.75
N ARG A 176 -2.42 -2.65 14.25
CA ARG A 176 -2.08 -4.01 14.36
C ARG A 176 -0.75 -4.33 13.63
N THR A 177 -0.57 -3.72 12.48
CA THR A 177 0.66 -3.94 11.70
C THR A 177 1.87 -3.48 12.48
N VAL A 178 1.73 -2.31 13.11
CA VAL A 178 2.85 -1.75 13.89
C VAL A 178 3.11 -2.58 15.16
N VAL A 179 2.07 -3.04 15.82
CA VAL A 179 2.30 -3.89 17.00
C VAL A 179 2.99 -5.20 16.57
N LEU A 180 2.62 -5.75 15.38
CA LEU A 180 3.33 -7.00 14.96
C LEU A 180 4.77 -6.77 14.52
N LEU A 181 5.01 -5.76 13.65
CA LEU A 181 6.32 -5.59 13.03
C LEU A 181 7.27 -4.86 13.89
N ARG A 182 6.75 -4.07 14.82
CA ARG A 182 7.57 -3.32 15.76
C ARG A 182 8.57 -2.33 15.16
N PRO A 183 8.18 -1.53 14.18
CA PRO A 183 9.14 -0.63 13.64
C PRO A 183 9.48 0.53 14.59
N ARG A 184 10.64 1.12 14.42
CA ARG A 184 11.05 2.33 15.07
C ARG A 184 10.45 3.57 14.35
N VAL A 185 10.27 3.52 13.04
CA VAL A 185 9.84 4.64 12.25
C VAL A 185 8.79 4.18 11.22
N VAL A 186 7.75 4.95 11.09
CA VAL A 186 6.70 4.73 10.08
C VAL A 186 6.74 5.88 9.17
N ILE A 187 6.82 5.67 7.86
CA ILE A 187 7.03 6.74 6.91
C ILE A 187 5.84 6.72 5.96
N GLY A 188 5.07 7.80 5.92
CA GLY A 188 4.06 7.97 4.93
C GLY A 188 4.69 8.30 3.57
N VAL A 189 4.20 7.64 2.55
CA VAL A 189 4.61 8.02 1.17
C VAL A 189 3.52 8.97 0.68
N GLY A 190 3.88 10.25 0.75
CA GLY A 190 2.90 11.34 0.44
C GLY A 190 2.25 11.87 1.67
N ALA A 191 1.63 13.03 1.51
CA ALA A 191 1.04 13.73 2.66
C ALA A 191 -0.16 13.07 3.25
N PHE A 192 -1.04 12.49 2.43
CA PHE A 192 -2.23 11.84 2.96
C PHE A 192 -1.84 10.65 3.86
N ALA A 193 -0.96 9.81 3.34
CA ALA A 193 -0.52 8.69 4.14
C ALA A 193 0.16 9.15 5.38
N GLU A 194 1.00 10.14 5.36
CA GLU A 194 1.67 10.66 6.53
C GLU A 194 0.61 11.08 7.56
N ALA A 195 -0.42 11.81 7.09
CA ALA A 195 -1.39 12.32 8.08
C ALA A 195 -2.17 11.20 8.72
N ARG A 196 -2.52 10.15 7.95
CA ARG A 196 -3.16 9.00 8.57
C ARG A 196 -2.26 8.30 9.60
N CYS A 197 -0.95 8.18 9.30
CA CYS A 197 -0.04 7.54 10.23
C CYS A 197 -0.01 8.40 11.55
N HIS A 198 0.10 9.70 11.50
CA HIS A 198 0.13 10.46 12.75
C HIS A 198 -1.18 10.21 13.46
N GLU A 199 -2.29 10.17 12.79
CA GLU A 199 -3.62 10.02 13.44
C GLU A 199 -3.79 8.63 14.08
N ALA A 200 -3.39 7.60 13.37
CA ALA A 200 -3.59 6.25 13.82
C ALA A 200 -2.66 5.81 14.92
N LEU A 201 -1.43 6.32 14.92
CA LEU A 201 -0.34 5.83 15.72
C LEU A 201 0.08 6.74 16.90
N GLU A 202 -0.66 7.82 17.12
CA GLU A 202 -0.34 8.66 18.29
C GLU A 202 -0.37 7.83 19.58
N GLY A 203 0.69 8.00 20.38
CA GLY A 203 0.93 7.32 21.59
C GLY A 203 1.63 6.04 21.50
N PHE A 204 1.86 5.52 20.30
CA PHE A 204 2.79 4.45 20.12
C PHE A 204 4.24 4.96 20.22
N ASP A 205 5.09 4.04 20.56
CA ASP A 205 6.49 4.36 20.64
C ASP A 205 7.18 4.25 19.25
N VAL A 206 6.77 5.10 18.30
CA VAL A 206 7.27 5.11 16.92
C VAL A 206 7.38 6.54 16.50
N GLU A 207 8.31 6.88 15.63
CA GLU A 207 8.36 8.14 15.02
C GLU A 207 7.60 8.02 13.72
N VAL A 208 6.99 9.08 13.26
CA VAL A 208 6.32 9.15 12.00
C VAL A 208 6.90 10.29 11.17
N GLY A 209 7.20 10.00 9.91
CA GLY A 209 7.72 10.95 8.96
C GLY A 209 7.12 10.69 7.58
N ARG A 210 7.65 11.40 6.60
CA ARG A 210 7.11 11.48 5.27
C ARG A 210 8.25 11.43 4.27
N ILE A 211 8.05 10.76 3.16
CA ILE A 211 8.82 11.03 1.98
C ILE A 211 7.90 11.53 0.83
N ILE A 212 8.53 12.23 -0.09
CA ILE A 212 7.81 12.67 -1.30
C ILE A 212 7.18 11.42 -1.97
N HIS A 213 6.00 11.61 -2.51
CA HIS A 213 5.37 10.56 -3.30
C HIS A 213 5.99 10.52 -4.69
N PRO A 214 6.19 9.34 -5.24
CA PRO A 214 6.91 9.18 -6.51
C PRO A 214 6.10 9.53 -7.78
N SER A 215 4.85 9.84 -7.66
CA SER A 215 4.05 10.09 -8.90
C SER A 215 4.55 11.29 -9.68
N PRO A 216 4.36 11.23 -10.96
CA PRO A 216 4.61 12.45 -11.75
C PRO A 216 3.83 13.67 -11.35
N ALA A 217 2.86 13.60 -10.49
CA ALA A 217 2.12 14.80 -10.08
C ALA A 217 2.95 15.73 -9.20
N SER A 218 4.18 15.36 -8.88
CA SER A 218 5.08 16.32 -8.17
C SER A 218 6.27 16.58 -8.96
N PRO A 219 6.60 17.86 -9.21
CA PRO A 219 7.75 18.16 -9.98
C PRO A 219 9.09 17.61 -9.49
N ALA A 220 9.31 17.62 -8.18
CA ALA A 220 10.54 17.10 -7.65
C ALA A 220 10.73 15.60 -7.89
N ALA A 221 9.59 14.86 -7.95
CA ALA A 221 9.64 13.49 -8.29
C ALA A 221 10.07 13.18 -9.69
N ASN A 222 9.72 14.10 -10.62
CA ASN A 222 10.25 13.95 -11.96
C ASN A 222 11.66 14.33 -12.20
N ARG A 223 12.07 15.30 -11.44
CA ARG A 223 13.48 15.66 -11.55
C ARG A 223 14.42 14.73 -10.87
N ASP A 224 14.16 14.36 -9.62
CA ASP A 224 15.06 13.47 -8.90
C ASP A 224 14.30 12.93 -7.66
N TRP A 225 13.37 11.97 -7.93
CA TRP A 225 12.61 11.41 -6.80
C TRP A 225 13.57 10.72 -5.77
N ALA A 226 14.45 9.95 -6.30
CA ALA A 226 15.30 9.12 -5.44
C ALA A 226 16.20 9.98 -4.59
N GLY A 227 16.83 11.02 -5.20
CA GLY A 227 17.64 11.90 -4.39
C GLY A 227 16.95 12.70 -3.36
N THR A 228 15.69 13.06 -3.65
CA THR A 228 14.88 13.77 -2.75
C THR A 228 14.47 12.88 -1.55
N ALA A 229 14.00 11.70 -1.88
CA ALA A 229 13.58 10.79 -0.83
C ALA A 229 14.76 10.38 0.03
N LEU A 230 15.87 10.27 -0.62
CA LEU A 230 17.09 9.85 0.10
C LEU A 230 17.49 10.91 1.10
N ARG A 231 17.40 12.20 0.75
CA ARG A 231 17.54 13.29 1.66
C ARG A 231 16.57 13.34 2.83
N GLN A 232 15.26 13.11 2.56
CA GLN A 232 14.29 13.09 3.53
C GLN A 232 14.51 12.00 4.55
N LEU A 233 14.84 10.80 4.04
CA LEU A 233 15.20 9.73 4.96
C LEU A 233 16.36 10.00 5.88
N ALA A 234 17.38 10.58 5.34
CA ALA A 234 18.52 10.94 6.15
C ALA A 234 18.14 11.94 7.22
N GLU A 235 17.30 12.90 6.87
CA GLU A 235 16.82 13.87 7.87
C GLU A 235 15.97 13.24 8.93
N LEU A 236 15.29 12.13 8.67
CA LEU A 236 14.60 11.31 9.59
C LEU A 236 15.47 10.34 10.42
N GLY A 237 16.74 10.19 10.06
CA GLY A 237 17.55 9.16 10.75
C GLY A 237 17.47 7.78 10.24
N VAL A 238 17.01 7.64 8.99
CA VAL A 238 16.79 6.34 8.42
C VAL A 238 17.84 5.97 7.38
N ASP A 239 18.52 4.89 7.62
CA ASP A 239 19.58 4.32 6.75
C ASP A 239 19.06 3.63 5.52
N PHE A 240 19.36 4.11 4.34
CA PHE A 240 18.77 3.58 3.13
C PHE A 240 19.86 3.35 2.09
N9 XAN B . 0.75 3.92 -6.63
C4 XAN B . 0.49 3.39 -5.47
N3 XAN B . 0.42 2.14 -5.01
C2 XAN B . 0.14 1.94 -3.80
O2 XAN B . 0.04 0.81 -3.42
N1 XAN B . -0.05 2.92 -2.91
C6 XAN B . 0.01 4.18 -3.23
O6 XAN B . -0.22 5.11 -2.43
C5 XAN B . 0.25 4.48 -4.57
N7 XAN B . 0.37 5.62 -5.24
C8 XAN B . 0.68 5.28 -6.49
C1 GOL C . -6.74 -15.83 -5.83
O1 GOL C . -5.41 -15.11 -5.74
C2 GOL C . -7.81 -14.84 -6.03
O2 GOL C . -7.91 -14.02 -4.87
C3 GOL C . -9.14 -15.63 -6.16
O3 GOL C . -10.20 -14.73 -6.37
C1 GOL D . 3.08 -16.06 -6.44
O1 GOL D . 4.18 -16.24 -7.32
C2 GOL D . 2.36 -17.41 -6.29
O2 GOL D . 3.32 -18.37 -5.76
C3 GOL D . 1.14 -17.27 -5.34
O3 GOL D . 0.17 -16.30 -5.92
C1 GOL E . -11.67 -6.45 12.41
O1 GOL E . -10.53 -6.46 12.80
C2 GOL E . -12.24 -7.68 13.05
O2 GOL E . -12.36 -8.54 11.91
C3 GOL E . -11.52 -8.34 14.20
O3 GOL E . -11.38 -7.53 15.29
C1 BME F . -3.03 -13.16 -14.29
C2 BME F . -4.41 -13.76 -14.29
O1 BME F . -2.69 -12.84 -12.96
S2 BME F . -4.67 -14.90 -13.03
C1 IPA G . 11.19 -13.72 -11.66
C2 IPA G . 11.70 -14.63 -10.61
C3 IPA G . 12.25 -15.90 -11.28
O2 IPA G . 12.57 -13.85 -9.68
C2 LEA H . 21.37 -0.43 1.39
O2 LEA H . 20.68 0.39 0.83
C3 LEA H . 21.40 -0.40 2.86
C4 LEA H . 22.81 -0.13 3.20
C5 LEA H . 23.56 -1.33 3.67
C6 LEA H . 24.94 -0.99 4.29
O1 LEA H . 22.05 -1.22 0.79
#